data_1ZG3
#
_entry.id   1ZG3
#
_cell.length_a   72.106
_cell.length_b   72.106
_cell.length_c   188.398
_cell.angle_alpha   90.00
_cell.angle_beta   90.00
_cell.angle_gamma   90.00
#
_symmetry.space_group_name_H-M   'P 43 2 2'
#
loop_
_entity.id
_entity.type
_entity.pdbx_description
1 polymer "isoflavanone 4'-O-methyltransferase"
2 non-polymer (2S,3R)-2,7-DIHYDROXY-3-(4-HYDROXYPHENYL)-2,3-DIHYDRO-4H-CHROMEN-4-ONE
3 non-polymer S-ADENOSYL-L-HOMOCYSTEINE
4 water water
#
_entity_poly.entity_id   1
_entity_poly.type   'polypeptide(L)'
_entity_poly.pdbx_seq_one_letter_code
;GSEESELYHAQIHLYKHVYNFVSSMALKSAMELGIADAIHNHGKPMTLSELASSLKLHPSKVNILHRFLRLLTHNGFFAK
TIVKGKEGDEEEEIAYSLTPPSKLLISGKPTCLSSIVKGALHPSSLDMWSSSKKWFNEDKEQTLFECATGESFWDFLNKD
SESSTLSMFQDAMASDSRMFKLVLQENKRVFEGLESLVDVGGGTGGVTKLIHEIFPHLKCTVFDQPQVVGNLTGNENLNF
VGGDMFKSIPSADAVLLKWVLHDWNDEQSLKILKNSKEAISHKGKDGKVIIIDISIDETSDDRGLTELQLDYDLVMLTMF
LGKERTKQEWEKLIYDAGFSSYKITPISGFKSLIEVYP
;
_entity_poly.pdbx_strand_id   A
#
loop_
_chem_comp.id
_chem_comp.type
_chem_comp.name
_chem_comp.formula
2HI non-polymer (2S,3R)-2,7-DIHYDROXY-3-(4-HYDROXYPHENYL)-2,3-DIHYDRO-4H-CHROMEN-4-ONE 'C15 H12 O5'
#
# COMPACT_ATOMS: atom_id res chain seq x y z
N GLY A 1 20.82 -41.09 -10.18
CA GLY A 1 21.27 -41.94 -9.03
C GLY A 1 20.73 -41.50 -7.69
N SER A 2 21.63 -41.24 -6.74
CA SER A 2 21.23 -40.80 -5.41
C SER A 2 20.57 -39.43 -5.50
N GLU A 3 20.45 -38.94 -6.73
CA GLU A 3 19.81 -37.66 -7.00
C GLU A 3 18.32 -37.95 -6.95
N GLU A 4 17.95 -39.14 -7.45
CA GLU A 4 16.57 -39.60 -7.44
C GLU A 4 16.15 -39.67 -5.99
N SER A 5 17.14 -39.95 -5.14
CA SER A 5 16.94 -40.04 -3.71
C SER A 5 16.59 -38.65 -3.19
N GLU A 6 16.72 -38.47 -1.88
CA GLU A 6 16.41 -37.20 -1.25
C GLU A 6 15.13 -36.60 -1.81
N LEU A 7 14.01 -36.83 -1.11
CA LEU A 7 12.74 -36.26 -1.53
C LEU A 7 12.92 -34.77 -1.24
N TYR A 8 14.20 -34.42 -1.22
CA TYR A 8 14.74 -33.09 -0.97
C TYR A 8 13.96 -32.18 -0.06
N HIS A 9 14.42 -30.94 0.02
CA HIS A 9 13.79 -29.91 0.79
C HIS A 9 12.89 -29.29 -0.25
N ALA A 10 12.76 -30.03 -1.36
CA ALA A 10 11.93 -29.62 -2.48
C ALA A 10 10.48 -29.75 -2.04
N GLN A 11 10.18 -30.81 -1.31
CA GLN A 11 8.84 -31.07 -0.82
C GLN A 11 8.42 -30.00 0.20
N ILE A 12 9.33 -29.64 1.10
CA ILE A 12 9.00 -28.63 2.10
C ILE A 12 8.86 -27.26 1.44
N HIS A 13 9.64 -27.01 0.40
CA HIS A 13 9.55 -25.73 -0.29
C HIS A 13 8.18 -25.65 -0.97
N LEU A 14 7.81 -26.75 -1.64
CA LEU A 14 6.55 -26.83 -2.36
C LEU A 14 5.37 -26.60 -1.41
N TYR A 15 5.38 -27.30 -0.27
CA TYR A 15 4.30 -27.18 0.68
C TYR A 15 4.18 -25.83 1.36
N LYS A 16 5.32 -25.19 1.66
CA LYS A 16 5.30 -23.88 2.29
C LYS A 16 4.57 -22.89 1.40
N HIS A 17 4.69 -23.05 0.09
CA HIS A 17 4.02 -22.15 -0.82
C HIS A 17 2.55 -22.50 -0.98
N VAL A 18 2.23 -23.79 -0.92
CA VAL A 18 0.85 -24.22 -1.04
C VAL A 18 0.00 -23.59 0.07
N TYR A 19 0.51 -23.66 1.29
CA TYR A 19 -0.21 -23.17 2.46
C TYR A 19 0.09 -21.77 2.95
N ASN A 20 0.78 -20.98 2.12
CA ASN A 20 1.10 -19.60 2.49
C ASN A 20 -0.19 -18.79 2.70
N PHE A 21 -1.23 -19.11 1.94
CA PHE A 21 -2.49 -18.38 2.05
C PHE A 21 -3.03 -18.34 3.47
N VAL A 22 -2.73 -19.39 4.25
CA VAL A 22 -3.20 -19.47 5.62
C VAL A 22 -2.73 -18.27 6.45
N SER A 23 -1.48 -17.87 6.27
CA SER A 23 -0.96 -16.72 7.03
C SER A 23 -1.80 -15.48 6.74
N SER A 24 -2.26 -15.34 5.49
CA SER A 24 -3.09 -14.19 5.12
C SER A 24 -4.47 -14.30 5.78
N MET A 25 -5.04 -15.50 5.78
CA MET A 25 -6.36 -15.70 6.41
C MET A 25 -6.28 -15.51 7.93
N ALA A 26 -5.22 -16.01 8.57
CA ALA A 26 -5.08 -15.82 10.01
C ALA A 26 -5.02 -14.31 10.34
N LEU A 27 -4.23 -13.55 9.58
CA LEU A 27 -4.13 -12.11 9.80
C LEU A 27 -5.49 -11.44 9.62
N LYS A 28 -6.20 -11.83 8.57
CA LYS A 28 -7.54 -11.29 8.29
C LYS A 28 -8.42 -11.54 9.51
N SER A 29 -8.33 -12.75 10.07
CA SER A 29 -9.12 -13.10 11.25
C SER A 29 -8.78 -12.21 12.44
N ALA A 30 -7.48 -11.90 12.60
CA ALA A 30 -7.06 -11.06 13.70
C ALA A 30 -7.71 -9.69 13.61
N MET A 31 -7.79 -9.11 12.42
CA MET A 31 -8.42 -7.79 12.30
C MET A 31 -9.93 -7.85 12.50
N GLU A 32 -10.61 -8.83 11.92
CA GLU A 32 -12.05 -8.92 12.10
C GLU A 32 -12.42 -9.27 13.56
N LEU A 33 -11.51 -9.91 14.27
CA LEU A 33 -11.75 -10.26 15.67
C LEU A 33 -11.52 -9.04 16.56
N GLY A 34 -10.83 -8.04 16.03
CA GLY A 34 -10.55 -6.83 16.80
C GLY A 34 -9.61 -7.09 17.98
N ILE A 35 -8.75 -8.08 17.86
CA ILE A 35 -7.82 -8.44 18.94
C ILE A 35 -6.92 -7.29 19.37
N ALA A 36 -6.34 -6.60 18.39
CA ALA A 36 -5.46 -5.47 18.67
C ALA A 36 -6.18 -4.42 19.50
N ASP A 37 -7.37 -4.03 19.04
CA ASP A 37 -8.18 -3.04 19.75
C ASP A 37 -8.49 -3.46 21.18
N ALA A 38 -8.77 -4.75 21.38
CA ALA A 38 -9.07 -5.25 22.72
C ALA A 38 -7.85 -5.16 23.63
N ILE A 39 -6.69 -5.53 23.11
CA ILE A 39 -5.48 -5.48 23.92
C ILE A 39 -5.13 -4.02 24.18
N HIS A 40 -5.13 -3.22 23.13
CA HIS A 40 -4.84 -1.80 23.26
C HIS A 40 -5.71 -1.16 24.33
N ASN A 41 -7.02 -1.42 24.27
CA ASN A 41 -7.96 -0.86 25.24
C ASN A 41 -7.74 -1.36 26.67
N HIS A 42 -7.19 -2.56 26.80
CA HIS A 42 -6.92 -3.12 28.11
C HIS A 42 -5.70 -2.42 28.72
N GLY A 43 -4.84 -1.89 27.86
CA GLY A 43 -3.64 -1.19 28.31
C GLY A 43 -2.65 -2.03 29.09
N LYS A 44 -2.60 -3.32 28.81
CA LYS A 44 -1.71 -4.22 29.52
C LYS A 44 -1.88 -5.61 28.90
N PRO A 45 -0.89 -6.50 29.05
CA PRO A 45 -1.03 -7.83 28.46
C PRO A 45 -2.36 -8.48 28.83
N MET A 46 -3.00 -9.10 27.84
CA MET A 46 -4.29 -9.74 28.06
C MET A 46 -4.15 -11.26 28.04
N THR A 47 -4.92 -11.90 28.90
CA THR A 47 -4.91 -13.36 28.99
C THR A 47 -5.91 -13.92 27.98
N LEU A 48 -5.78 -15.21 27.67
CA LEU A 48 -6.67 -15.87 26.72
C LEU A 48 -8.12 -15.70 27.16
N SER A 49 -8.38 -15.92 28.45
CA SER A 49 -9.71 -15.80 29.01
C SER A 49 -10.21 -14.37 28.98
N GLU A 50 -9.36 -13.44 29.41
CA GLU A 50 -9.71 -12.03 29.42
C GLU A 50 -10.06 -11.59 27.99
N LEU A 51 -9.22 -11.99 27.05
CA LEU A 51 -9.42 -11.66 25.64
C LEU A 51 -10.70 -12.32 25.11
N ALA A 52 -10.95 -13.57 25.51
CA ALA A 52 -12.15 -14.27 25.08
C ALA A 52 -13.35 -13.54 25.67
N SER A 53 -13.16 -13.02 26.88
CA SER A 53 -14.21 -12.29 27.58
C SER A 53 -14.53 -10.98 26.85
N SER A 54 -13.48 -10.27 26.44
CA SER A 54 -13.66 -9.00 25.75
C SER A 54 -14.34 -9.19 24.39
N LEU A 55 -14.07 -10.30 23.73
CA LEU A 55 -14.69 -10.54 22.43
C LEU A 55 -16.07 -11.18 22.56
N LYS A 56 -16.48 -11.47 23.80
CA LYS A 56 -17.78 -12.08 24.07
C LYS A 56 -17.97 -13.35 23.25
N LEU A 57 -16.94 -14.19 23.22
CA LEU A 57 -17.00 -15.43 22.46
C LEU A 57 -17.81 -16.51 23.16
N HIS A 58 -18.37 -17.41 22.38
CA HIS A 58 -19.10 -18.53 22.94
C HIS A 58 -17.98 -19.42 23.48
N PRO A 59 -18.18 -20.04 24.64
CA PRO A 59 -17.13 -20.90 25.20
C PRO A 59 -16.48 -21.90 24.26
N SER A 60 -17.21 -22.33 23.23
CA SER A 60 -16.66 -23.31 22.28
C SER A 60 -15.68 -22.71 21.27
N LYS A 61 -15.69 -21.38 21.15
CA LYS A 61 -14.81 -20.71 20.20
C LYS A 61 -13.49 -20.30 20.82
N VAL A 62 -13.42 -20.36 22.15
CA VAL A 62 -12.21 -19.97 22.84
C VAL A 62 -10.99 -20.72 22.31
N ASN A 63 -11.09 -22.04 22.20
CA ASN A 63 -9.97 -22.82 21.71
C ASN A 63 -9.63 -22.46 20.27
N ILE A 64 -10.59 -21.93 19.52
CA ILE A 64 -10.29 -21.53 18.16
C ILE A 64 -9.46 -20.24 18.24
N LEU A 65 -9.85 -19.33 19.14
CA LEU A 65 -9.13 -18.08 19.34
C LEU A 65 -7.68 -18.43 19.68
N HIS A 66 -7.50 -19.44 20.54
CA HIS A 66 -6.17 -19.89 20.95
C HIS A 66 -5.31 -20.36 19.77
N ARG A 67 -5.89 -21.18 18.90
CA ARG A 67 -5.16 -21.69 17.75
C ARG A 67 -4.70 -20.55 16.83
N PHE A 68 -5.61 -19.61 16.52
CA PHE A 68 -5.24 -18.49 15.66
C PHE A 68 -4.15 -17.65 16.32
N LEU A 69 -4.25 -17.48 17.62
CA LEU A 69 -3.28 -16.72 18.40
C LEU A 69 -1.89 -17.36 18.36
N ARG A 70 -1.83 -18.69 18.47
CA ARG A 70 -0.54 -19.38 18.45
C ARG A 70 0.17 -19.11 17.13
N LEU A 71 -0.55 -19.23 16.02
CA LEU A 71 0.04 -18.99 14.70
C LEU A 71 0.45 -17.53 14.54
N LEU A 72 -0.45 -16.63 14.89
CA LEU A 72 -0.18 -15.19 14.76
C LEU A 72 1.04 -14.78 15.61
N THR A 73 1.15 -15.36 16.80
CA THR A 73 2.26 -15.08 17.69
C THR A 73 3.55 -15.57 17.04
N HIS A 74 3.52 -16.75 16.43
CA HIS A 74 4.70 -17.28 15.77
C HIS A 74 5.09 -16.36 14.61
N ASN A 75 4.07 -15.81 13.93
CA ASN A 75 4.30 -14.92 12.81
C ASN A 75 4.64 -13.49 13.25
N GLY A 76 4.83 -13.29 14.55
CA GLY A 76 5.20 -11.98 15.06
C GLY A 76 4.14 -10.88 15.21
N PHE A 77 2.88 -11.26 15.25
CA PHE A 77 1.84 -10.25 15.39
C PHE A 77 1.40 -10.08 16.84
N PHE A 78 1.96 -10.91 17.71
CA PHE A 78 1.68 -10.85 19.14
C PHE A 78 2.89 -11.41 19.86
N ALA A 79 3.08 -10.99 21.10
CA ALA A 79 4.19 -11.47 21.89
C ALA A 79 3.63 -12.13 23.15
N LYS A 80 4.13 -13.33 23.45
CA LYS A 80 3.70 -14.09 24.62
C LYS A 80 4.46 -13.63 25.85
N THR A 81 3.77 -13.61 26.98
CA THR A 81 4.39 -13.21 28.24
C THR A 81 3.77 -14.05 29.37
N ILE A 82 4.25 -13.88 30.59
CA ILE A 82 3.75 -14.66 31.71
C ILE A 82 3.19 -13.82 32.85
N VAL A 83 1.96 -14.15 33.26
CA VAL A 83 1.31 -13.43 34.35
C VAL A 83 0.90 -14.39 35.47
N LYS A 84 0.68 -13.84 36.65
CA LYS A 84 0.30 -14.63 37.83
C LYS A 84 -1.13 -15.15 37.79
N GLY A 85 -2.07 -14.32 38.25
CA GLY A 85 -3.47 -14.72 38.28
C GLY A 85 -4.13 -14.46 39.62
N LYS A 86 -5.32 -13.86 39.61
CA LYS A 86 -6.06 -13.56 40.84
C LYS A 86 -6.71 -14.80 41.45
N GLU A 87 -7.17 -14.65 42.69
CA GLU A 87 -7.81 -15.73 43.41
C GLU A 87 -6.87 -16.89 43.70
N GLY A 88 -7.36 -17.87 44.44
CA GLY A 88 -6.55 -19.02 44.78
C GLY A 88 -6.58 -20.06 43.69
N ASP A 89 -7.68 -20.02 42.84
CA ASP A 89 -7.52 -20.87 41.69
C ASP A 89 -6.56 -20.23 40.76
N GLU A 90 -6.18 -21.22 39.99
CA GLU A 90 -5.30 -21.19 38.85
C GLU A 90 -3.91 -21.25 39.32
N GLU A 91 -3.04 -20.95 38.41
CA GLU A 91 -1.63 -21.06 38.71
C GLU A 91 -0.81 -20.01 37.94
N GLU A 92 -0.40 -20.36 36.73
CA GLU A 92 0.40 -19.48 35.90
C GLU A 92 -0.17 -19.44 34.48
N GLU A 93 -0.44 -18.24 33.96
CA GLU A 93 -1.01 -18.09 32.63
C GLU A 93 -0.20 -17.21 31.69
N ILE A 94 -0.38 -17.45 30.39
CA ILE A 94 0.30 -16.66 29.37
C ILE A 94 -0.58 -15.50 28.95
N ALA A 95 0.03 -14.34 28.74
CA ALA A 95 -0.70 -13.15 28.32
C ALA A 95 -0.19 -12.77 26.94
N TYR A 96 -0.98 -11.97 26.22
CA TYR A 96 -0.61 -11.53 24.88
C TYR A 96 -0.48 -10.01 24.76
N SER A 97 0.59 -9.56 24.13
CA SER A 97 0.84 -8.14 23.91
C SER A 97 0.99 -7.89 22.43
N LEU A 98 0.66 -6.67 22.00
CA LEU A 98 0.79 -6.30 20.60
C LEU A 98 2.25 -6.07 20.27
N THR A 99 2.54 -6.02 18.98
CA THR A 99 3.88 -5.77 18.50
C THR A 99 3.74 -4.67 17.47
N PRO A 100 4.85 -4.12 16.96
CA PRO A 100 4.68 -3.05 15.96
C PRO A 100 3.71 -3.44 14.84
N PRO A 101 3.85 -4.65 14.27
CA PRO A 101 2.93 -5.06 13.19
C PRO A 101 1.45 -5.03 13.57
N SER A 102 1.10 -5.56 14.73
CA SER A 102 -0.30 -5.58 15.15
C SER A 102 -0.81 -4.20 15.58
N LYS A 103 0.10 -3.29 15.94
CA LYS A 103 -0.35 -1.97 16.34
C LYS A 103 -0.95 -1.24 15.15
N LEU A 104 -0.63 -1.73 13.95
CA LEU A 104 -1.16 -1.13 12.73
C LEU A 104 -2.61 -1.54 12.57
N LEU A 105 -3.09 -2.37 13.51
CA LEU A 105 -4.47 -2.83 13.48
C LEU A 105 -5.37 -2.09 14.46
N ILE A 106 -4.79 -1.15 15.21
CA ILE A 106 -5.56 -0.38 16.18
C ILE A 106 -6.37 0.69 15.46
N SER A 107 -7.69 0.51 15.44
CA SER A 107 -8.58 1.45 14.77
C SER A 107 -8.57 2.86 15.35
N GLY A 108 -9.00 3.83 14.55
CA GLY A 108 -9.04 5.20 15.01
C GLY A 108 -7.69 5.88 15.16
N LYS A 109 -6.64 5.23 14.64
CA LYS A 109 -5.29 5.77 14.69
C LYS A 109 -4.85 6.11 13.28
N PRO A 110 -4.13 7.23 13.09
CA PRO A 110 -3.67 7.61 11.76
C PRO A 110 -2.90 6.50 11.04
N THR A 111 -2.47 5.50 11.79
CA THR A 111 -1.70 4.39 11.24
C THR A 111 -2.52 3.13 10.92
N CYS A 112 -3.80 3.13 11.26
CA CYS A 112 -4.65 1.95 11.04
C CYS A 112 -4.75 1.51 9.58
N LEU A 113 -4.41 0.25 9.33
CA LEU A 113 -4.48 -0.31 7.97
C LEU A 113 -5.56 -1.39 7.89
N SER A 114 -6.33 -1.55 8.96
CA SER A 114 -7.39 -2.56 9.03
C SER A 114 -8.30 -2.64 7.79
N SER A 115 -8.67 -1.47 7.26
CA SER A 115 -9.55 -1.40 6.09
C SER A 115 -8.89 -1.97 4.85
N ILE A 116 -7.59 -1.78 4.72
CA ILE A 116 -6.90 -2.29 3.55
C ILE A 116 -6.80 -3.81 3.63
N VAL A 117 -6.50 -4.31 4.82
CA VAL A 117 -6.40 -5.75 4.98
C VAL A 117 -7.78 -6.39 4.73
N LYS A 118 -8.84 -5.70 5.15
CA LYS A 118 -10.20 -6.21 4.97
C LYS A 118 -10.56 -6.32 3.49
N GLY A 119 -10.26 -5.27 2.74
CA GLY A 119 -10.58 -5.28 1.32
C GLY A 119 -9.68 -6.17 0.48
N ALA A 120 -8.38 -6.10 0.72
CA ALA A 120 -7.43 -6.92 -0.03
C ALA A 120 -7.72 -8.39 0.15
N LEU A 121 -8.39 -8.75 1.24
CA LEU A 121 -8.71 -10.14 1.51
C LEU A 121 -10.21 -10.42 1.56
N HIS A 122 -10.99 -9.56 0.90
CA HIS A 122 -12.44 -9.71 0.85
C HIS A 122 -12.77 -10.76 -0.23
N PRO A 123 -13.93 -11.43 -0.13
CA PRO A 123 -14.26 -12.42 -1.17
C PRO A 123 -14.19 -11.85 -2.58
N SER A 124 -14.58 -10.59 -2.72
CA SER A 124 -14.55 -9.94 -4.04
C SER A 124 -13.14 -9.81 -4.60
N SER A 125 -12.14 -9.91 -3.71
CA SER A 125 -10.73 -9.83 -4.11
C SER A 125 -10.14 -11.22 -4.36
N LEU A 126 -10.64 -12.23 -3.66
CA LEU A 126 -10.09 -13.57 -3.77
C LEU A 126 -10.82 -14.66 -4.55
N ASP A 127 -12.14 -14.64 -4.51
CA ASP A 127 -12.93 -15.67 -5.19
C ASP A 127 -12.64 -15.90 -6.68
N MET A 128 -12.24 -14.85 -7.39
CA MET A 128 -11.96 -14.96 -8.83
C MET A 128 -10.86 -15.97 -9.20
N TRP A 129 -9.99 -16.30 -8.25
CA TRP A 129 -8.91 -17.24 -8.54
C TRP A 129 -9.38 -18.62 -9.01
N SER A 130 -10.63 -18.96 -8.74
CA SER A 130 -11.15 -20.26 -9.16
C SER A 130 -11.27 -20.29 -10.69
N SER A 131 -11.22 -19.13 -11.32
CA SER A 131 -11.34 -19.03 -12.78
C SER A 131 -9.98 -18.90 -13.47
N SER A 132 -8.90 -19.05 -12.71
CA SER A 132 -7.56 -18.90 -13.27
C SER A 132 -7.21 -19.80 -14.45
N LYS A 133 -7.55 -21.08 -14.40
CA LYS A 133 -7.23 -21.98 -15.50
C LYS A 133 -7.95 -21.56 -16.78
N LYS A 134 -9.24 -21.32 -16.64
CA LYS A 134 -10.07 -20.91 -17.77
C LYS A 134 -9.53 -19.58 -18.34
N TRP A 135 -8.99 -18.75 -17.44
CA TRP A 135 -8.46 -17.45 -17.80
C TRP A 135 -7.21 -17.51 -18.70
N PHE A 136 -6.33 -18.45 -18.40
CA PHE A 136 -5.11 -18.63 -19.18
C PHE A 136 -5.40 -19.21 -20.58
N ASN A 137 -6.38 -20.11 -20.65
CA ASN A 137 -6.73 -20.80 -21.89
C ASN A 137 -7.78 -20.18 -22.81
N GLU A 138 -8.28 -18.99 -22.47
CA GLU A 138 -9.28 -18.36 -23.32
C GLU A 138 -8.66 -17.44 -24.38
N ASP A 139 -9.50 -16.99 -25.31
CA ASP A 139 -9.04 -16.12 -26.37
C ASP A 139 -9.38 -14.67 -26.06
N LYS A 140 -10.14 -14.44 -25.00
CA LYS A 140 -10.53 -13.08 -24.64
C LYS A 140 -9.52 -12.37 -23.74
N GLU A 141 -9.17 -11.14 -24.13
CA GLU A 141 -8.24 -10.33 -23.36
C GLU A 141 -9.06 -9.60 -22.33
N GLN A 142 -8.89 -9.97 -21.06
CA GLN A 142 -9.64 -9.36 -19.97
C GLN A 142 -8.94 -9.67 -18.66
N THR A 143 -9.36 -9.00 -17.59
CA THR A 143 -8.77 -9.23 -16.27
C THR A 143 -9.27 -10.57 -15.78
N LEU A 144 -8.68 -11.10 -14.71
CA LEU A 144 -9.12 -12.38 -14.18
C LEU A 144 -10.48 -12.17 -13.52
N PHE A 145 -10.71 -10.97 -12.99
CA PHE A 145 -11.97 -10.66 -12.34
C PHE A 145 -13.09 -10.68 -13.38
N GLU A 146 -12.82 -10.08 -14.54
CA GLU A 146 -13.82 -10.04 -15.62
C GLU A 146 -14.10 -11.45 -16.12
N CYS A 147 -13.07 -12.28 -16.19
CA CYS A 147 -13.22 -13.65 -16.66
C CYS A 147 -14.07 -14.48 -15.68
N ALA A 148 -13.93 -14.19 -14.39
CA ALA A 148 -14.66 -14.93 -13.37
C ALA A 148 -16.09 -14.46 -13.14
N THR A 149 -16.35 -13.17 -13.30
CA THR A 149 -17.68 -12.63 -13.05
C THR A 149 -18.44 -12.14 -14.28
N GLY A 150 -17.72 -11.79 -15.34
CA GLY A 150 -18.38 -11.31 -16.54
C GLY A 150 -18.48 -9.79 -16.55
N GLU A 151 -18.01 -9.16 -15.47
CA GLU A 151 -18.04 -7.70 -15.39
C GLU A 151 -16.75 -7.19 -14.77
N SER A 152 -16.36 -5.97 -15.11
CA SER A 152 -15.12 -5.37 -14.58
C SER A 152 -15.26 -5.19 -13.09
N PHE A 153 -14.14 -5.02 -12.41
CA PHE A 153 -14.17 -4.85 -10.97
C PHE A 153 -14.98 -3.61 -10.61
N TRP A 154 -14.74 -2.52 -11.34
CA TRP A 154 -15.43 -1.27 -11.06
C TRP A 154 -16.94 -1.38 -11.19
N ASP A 155 -17.43 -1.98 -12.28
CA ASP A 155 -18.87 -2.12 -12.47
C ASP A 155 -19.47 -2.94 -11.35
N PHE A 156 -18.74 -3.93 -10.86
CA PHE A 156 -19.19 -4.78 -9.78
C PHE A 156 -19.46 -3.94 -8.54
N LEU A 157 -18.45 -3.18 -8.11
CA LEU A 157 -18.59 -2.34 -6.94
C LEU A 157 -19.73 -1.34 -7.05
N ASN A 158 -20.08 -0.92 -8.27
CA ASN A 158 -21.15 0.05 -8.45
C ASN A 158 -22.55 -0.51 -8.69
N LYS A 159 -22.78 -1.72 -8.22
CA LYS A 159 -24.09 -2.34 -8.34
C LYS A 159 -24.80 -2.02 -7.03
N ASP A 160 -26.12 -1.89 -7.07
CA ASP A 160 -26.89 -1.59 -5.87
C ASP A 160 -26.70 -2.66 -4.80
N SER A 161 -26.60 -3.91 -5.22
CA SER A 161 -26.44 -5.03 -4.29
C SER A 161 -25.02 -5.14 -3.74
N GLU A 162 -24.17 -4.18 -4.08
CA GLU A 162 -22.79 -4.19 -3.61
C GLU A 162 -22.42 -2.88 -2.93
N SER A 163 -23.45 -2.16 -2.49
CA SER A 163 -23.31 -0.88 -1.81
C SER A 163 -22.25 -0.87 -0.71
N SER A 164 -22.29 -1.89 0.15
CA SER A 164 -21.35 -1.99 1.26
C SER A 164 -19.93 -2.33 0.80
N THR A 165 -19.82 -3.10 -0.27
CA THR A 165 -18.52 -3.49 -0.80
C THR A 165 -17.81 -2.24 -1.32
N LEU A 166 -18.53 -1.40 -2.05
CA LEU A 166 -17.97 -0.16 -2.59
C LEU A 166 -17.46 0.75 -1.47
N SER A 167 -18.24 0.88 -0.41
CA SER A 167 -17.83 1.73 0.71
C SER A 167 -16.60 1.13 1.38
N MET A 168 -16.53 -0.22 1.40
CA MET A 168 -15.38 -0.90 1.98
C MET A 168 -14.15 -0.57 1.15
N PHE A 169 -14.32 -0.56 -0.17
CA PHE A 169 -13.24 -0.25 -1.08
C PHE A 169 -12.78 1.20 -0.93
N GLN A 170 -13.72 2.13 -0.84
CA GLN A 170 -13.34 3.53 -0.70
C GLN A 170 -12.74 3.83 0.68
N ASP A 171 -13.07 3.01 1.68
CA ASP A 171 -12.49 3.22 3.00
C ASP A 171 -10.99 2.90 2.92
N ALA A 172 -10.67 1.81 2.21
CA ALA A 172 -9.28 1.39 2.06
C ALA A 172 -8.48 2.42 1.27
N MET A 173 -9.07 2.91 0.18
CA MET A 173 -8.38 3.90 -0.64
C MET A 173 -8.13 5.18 0.13
N ALA A 174 -9.14 5.64 0.86
CA ALA A 174 -8.99 6.87 1.64
C ALA A 174 -7.92 6.66 2.70
N SER A 175 -7.92 5.46 3.30
CA SER A 175 -6.93 5.14 4.32
C SER A 175 -5.52 5.12 3.73
N ASP A 176 -5.40 4.63 2.51
CA ASP A 176 -4.12 4.56 1.83
C ASP A 176 -3.55 5.95 1.53
N SER A 177 -4.36 6.81 0.96
CA SER A 177 -3.93 8.18 0.64
C SER A 177 -3.56 8.93 1.92
N ARG A 178 -4.25 8.59 3.00
CA ARG A 178 -4.03 9.20 4.29
C ARG A 178 -2.62 8.88 4.79
N MET A 179 -2.16 7.66 4.49
CA MET A 179 -0.83 7.21 4.90
C MET A 179 0.27 8.04 4.26
N PHE A 180 -0.08 8.83 3.25
CA PHE A 180 0.92 9.66 2.59
C PHE A 180 1.44 10.71 3.57
N LYS A 181 0.61 11.07 4.54
CA LYS A 181 1.01 12.05 5.54
C LYS A 181 2.20 11.47 6.32
N LEU A 182 2.11 10.17 6.63
CA LEU A 182 3.19 9.51 7.35
C LEU A 182 4.45 9.55 6.51
N VAL A 183 4.30 9.41 5.19
CA VAL A 183 5.43 9.45 4.29
C VAL A 183 6.14 10.80 4.38
N LEU A 184 5.35 11.88 4.42
CA LEU A 184 5.90 13.22 4.50
C LEU A 184 6.63 13.43 5.83
N GLN A 185 5.95 13.10 6.92
CA GLN A 185 6.55 13.25 8.24
C GLN A 185 7.83 12.45 8.36
N GLU A 186 7.86 11.28 7.72
CA GLU A 186 9.01 10.40 7.77
C GLU A 186 10.16 10.76 6.83
N ASN A 187 9.90 11.65 5.87
CA ASN A 187 10.94 12.04 4.92
C ASN A 187 10.99 13.56 4.70
N LYS A 188 10.93 14.33 5.78
CA LYS A 188 10.98 15.79 5.69
C LYS A 188 12.17 16.23 4.82
N ARG A 189 13.30 15.56 5.01
CA ARG A 189 14.53 15.84 4.28
C ARG A 189 14.28 16.09 2.79
N VAL A 190 13.37 15.32 2.22
CA VAL A 190 13.04 15.43 0.79
C VAL A 190 12.48 16.78 0.36
N PHE A 191 11.59 17.36 1.16
CA PHE A 191 10.96 18.63 0.81
C PHE A 191 11.51 19.83 1.57
N GLU A 192 12.32 19.58 2.60
CA GLU A 192 12.88 20.62 3.46
C GLU A 192 13.47 21.87 2.80
N GLY A 193 14.44 21.69 1.90
CA GLY A 193 15.05 22.84 1.26
C GLY A 193 14.34 23.42 0.03
N LEU A 194 13.04 23.13 -0.12
CA LEU A 194 12.30 23.64 -1.26
C LEU A 194 11.51 24.91 -0.99
N GLU A 195 11.43 25.78 -1.99
CA GLU A 195 10.66 27.00 -1.84
C GLU A 195 9.31 26.82 -2.52
N SER A 196 9.31 26.09 -3.63
CA SER A 196 8.08 25.85 -4.40
C SER A 196 7.94 24.40 -4.85
N LEU A 197 6.70 24.00 -5.12
CA LEU A 197 6.42 22.65 -5.60
C LEU A 197 5.15 22.59 -6.44
N VAL A 198 5.20 21.80 -7.51
CA VAL A 198 4.03 21.64 -8.37
C VAL A 198 3.56 20.19 -8.30
N ASP A 199 2.32 20.03 -7.86
CA ASP A 199 1.70 18.72 -7.72
C ASP A 199 0.96 18.41 -9.02
N VAL A 200 1.59 17.62 -9.89
CA VAL A 200 1.02 17.25 -11.18
C VAL A 200 -0.09 16.22 -10.99
N GLY A 201 -1.24 16.46 -11.63
CA GLY A 201 -2.35 15.55 -11.48
C GLY A 201 -2.87 15.66 -10.06
N GLY A 202 -2.68 16.83 -9.46
CA GLY A 202 -3.11 17.06 -8.09
C GLY A 202 -4.61 17.15 -7.87
N GLY A 203 -5.37 17.04 -8.95
CA GLY A 203 -6.83 17.10 -8.84
C GLY A 203 -7.33 18.36 -8.18
N THR A 204 -8.20 18.19 -7.18
CA THR A 204 -8.78 19.31 -6.46
C THR A 204 -7.88 19.80 -5.33
N GLY A 205 -6.71 19.18 -5.19
CA GLY A 205 -5.78 19.61 -4.15
C GLY A 205 -5.66 18.81 -2.86
N GLY A 206 -6.26 17.62 -2.80
CA GLY A 206 -6.19 16.82 -1.59
C GLY A 206 -4.78 16.46 -1.11
N VAL A 207 -3.87 16.21 -2.04
CA VAL A 207 -2.50 15.87 -1.70
C VAL A 207 -1.71 17.10 -1.24
N THR A 208 -1.90 18.22 -1.92
CA THR A 208 -1.21 19.45 -1.54
C THR A 208 -1.65 19.92 -0.17
N LYS A 209 -2.86 19.53 0.23
CA LYS A 209 -3.38 19.92 1.53
C LYS A 209 -2.60 19.19 2.62
N LEU A 210 -2.30 17.92 2.39
CA LEU A 210 -1.51 17.13 3.35
C LEU A 210 -0.10 17.70 3.39
N ILE A 211 0.41 18.05 2.22
CA ILE A 211 1.74 18.62 2.10
C ILE A 211 1.81 19.90 2.93
N HIS A 212 0.74 20.70 2.90
CA HIS A 212 0.74 21.93 3.66
C HIS A 212 0.65 21.70 5.15
N GLU A 213 0.02 20.60 5.56
CA GLU A 213 -0.09 20.28 6.97
C GLU A 213 1.30 20.09 7.57
N ILE A 214 2.26 19.73 6.73
CA ILE A 214 3.63 19.50 7.19
C ILE A 214 4.57 20.63 6.82
N PHE A 215 4.35 21.25 5.67
CA PHE A 215 5.18 22.36 5.20
C PHE A 215 4.32 23.56 4.83
N PRO A 216 3.72 24.22 5.83
CA PRO A 216 2.86 25.39 5.58
C PRO A 216 3.47 26.57 4.82
N HIS A 217 4.79 26.59 4.69
CA HIS A 217 5.46 27.69 4.00
C HIS A 217 5.83 27.37 2.56
N LEU A 218 5.72 26.10 2.19
CA LEU A 218 6.05 25.70 0.84
C LEU A 218 5.00 26.20 -0.14
N LYS A 219 5.44 26.88 -1.18
CA LYS A 219 4.52 27.40 -2.21
C LYS A 219 4.16 26.22 -3.11
N CYS A 220 2.91 25.77 -3.04
CA CYS A 220 2.46 24.65 -3.85
C CYS A 220 1.52 25.07 -4.98
N THR A 221 1.70 24.44 -6.14
CA THR A 221 0.88 24.69 -7.30
C THR A 221 0.23 23.36 -7.69
N VAL A 222 -1.10 23.33 -7.67
CA VAL A 222 -1.82 22.13 -8.01
C VAL A 222 -2.11 22.21 -9.50
N PHE A 223 -1.42 21.38 -10.27
CA PHE A 223 -1.57 21.36 -11.72
C PHE A 223 -2.37 20.16 -12.18
N ASP A 224 -3.39 20.41 -12.99
CA ASP A 224 -4.22 19.32 -13.50
C ASP A 224 -4.93 19.82 -14.76
N GLN A 225 -5.89 19.03 -15.24
CA GLN A 225 -6.66 19.39 -16.43
C GLN A 225 -7.59 20.56 -16.16
N PRO A 226 -7.78 21.43 -17.16
CA PRO A 226 -8.64 22.61 -17.04
C PRO A 226 -10.00 22.33 -16.38
N GLN A 227 -10.62 21.21 -16.73
CA GLN A 227 -11.92 20.86 -16.18
C GLN A 227 -11.87 20.48 -14.70
N VAL A 228 -10.73 19.96 -14.25
CA VAL A 228 -10.59 19.55 -12.85
C VAL A 228 -10.33 20.73 -11.91
N VAL A 229 -9.39 21.59 -12.26
CA VAL A 229 -9.10 22.75 -11.43
C VAL A 229 -10.23 23.77 -11.57
N GLY A 230 -10.57 24.10 -12.81
CA GLY A 230 -11.64 25.04 -13.08
C GLY A 230 -11.63 26.34 -12.28
N ASN A 231 -12.64 26.48 -11.42
CA ASN A 231 -12.79 27.67 -10.59
C ASN A 231 -11.69 27.79 -9.53
N LEU A 232 -11.66 26.83 -8.62
CA LEU A 232 -10.69 26.77 -7.52
C LEU A 232 -9.62 27.86 -7.44
N THR A 233 -9.71 28.67 -6.39
CA THR A 233 -8.75 29.74 -6.13
C THR A 233 -7.99 29.27 -4.90
N GLY A 234 -6.81 29.84 -4.67
CA GLY A 234 -6.03 29.42 -3.52
C GLY A 234 -5.75 30.50 -2.49
N ASN A 235 -4.58 30.40 -1.88
CA ASN A 235 -4.15 31.33 -0.86
C ASN A 235 -2.76 31.82 -1.25
N GLU A 236 -2.04 32.33 -0.26
CA GLU A 236 -0.70 32.82 -0.48
C GLU A 236 0.20 31.71 -1.01
N ASN A 237 0.11 30.53 -0.39
CA ASN A 237 0.93 29.38 -0.80
C ASN A 237 0.22 28.24 -1.50
N LEU A 238 -1.03 28.46 -1.87
CA LEU A 238 -1.81 27.45 -2.59
C LEU A 238 -2.16 28.02 -3.95
N ASN A 239 -1.86 27.27 -5.00
CA ASN A 239 -2.10 27.74 -6.34
C ASN A 239 -2.70 26.67 -7.25
N PHE A 240 -3.75 27.03 -7.99
CA PHE A 240 -4.39 26.09 -8.92
C PHE A 240 -4.15 26.55 -10.35
N VAL A 241 -3.64 25.63 -11.18
CA VAL A 241 -3.36 25.91 -12.58
C VAL A 241 -3.82 24.77 -13.50
N GLY A 242 -4.49 25.13 -14.59
CA GLY A 242 -4.98 24.13 -15.52
C GLY A 242 -4.15 24.02 -16.79
N GLY A 243 -4.02 22.81 -17.31
CA GLY A 243 -3.24 22.61 -18.53
C GLY A 243 -3.11 21.15 -18.93
N ASP A 244 -2.11 20.87 -19.76
CA ASP A 244 -1.86 19.53 -20.25
C ASP A 244 -0.42 19.15 -19.95
N MET A 245 -0.23 18.24 -19.00
CA MET A 245 1.09 17.82 -18.59
C MET A 245 1.94 17.26 -19.73
N PHE A 246 1.31 16.89 -20.83
CA PHE A 246 2.05 16.35 -21.97
C PHE A 246 2.65 17.46 -22.80
N LYS A 247 2.12 18.67 -22.63
CA LYS A 247 2.62 19.83 -23.36
C LYS A 247 3.58 20.61 -22.46
N SER A 248 3.22 20.77 -21.20
CA SER A 248 4.07 21.51 -20.28
C SER A 248 3.61 21.43 -18.82
N ILE A 249 4.51 21.74 -17.91
CA ILE A 249 4.23 21.74 -16.47
C ILE A 249 4.77 23.02 -15.86
N PRO A 250 3.99 23.67 -14.97
CA PRO A 250 4.38 24.92 -14.30
C PRO A 250 5.76 24.81 -13.62
N SER A 251 6.60 25.81 -13.81
CA SER A 251 7.93 25.79 -13.19
C SER A 251 7.85 25.88 -11.68
N ALA A 252 8.81 25.24 -11.02
CA ALA A 252 8.89 25.21 -9.56
C ALA A 252 10.21 24.57 -9.16
N ASP A 253 10.59 24.67 -7.88
CA ASP A 253 11.85 24.07 -7.44
C ASP A 253 11.77 22.55 -7.57
N ALA A 254 10.57 22.00 -7.38
CA ALA A 254 10.40 20.56 -7.47
C ALA A 254 9.08 20.17 -8.14
N VAL A 255 9.09 19.02 -8.80
CA VAL A 255 7.90 18.49 -9.46
C VAL A 255 7.51 17.18 -8.77
N LEU A 256 6.26 17.10 -8.33
CA LEU A 256 5.79 15.91 -7.65
C LEU A 256 4.96 15.10 -8.62
N LEU A 257 5.30 13.84 -8.78
CA LEU A 257 4.56 12.93 -9.66
C LEU A 257 4.10 11.79 -8.75
N LYS A 258 3.02 12.05 -8.02
CA LYS A 258 2.48 11.05 -7.10
C LYS A 258 1.48 10.14 -7.81
N TRP A 259 1.87 8.89 -7.97
CA TRP A 259 1.02 7.88 -8.61
C TRP A 259 0.52 8.33 -9.98
N VAL A 260 1.36 9.07 -10.71
CA VAL A 260 1.01 9.54 -12.03
C VAL A 260 1.54 8.64 -13.13
N LEU A 261 2.86 8.47 -13.17
CA LEU A 261 3.49 7.66 -14.20
C LEU A 261 2.94 6.23 -14.21
N HIS A 262 2.42 5.82 -13.07
CA HIS A 262 1.85 4.48 -12.93
C HIS A 262 0.82 4.15 -14.01
N ASP A 263 -0.03 5.13 -14.32
CA ASP A 263 -1.08 4.92 -15.32
C ASP A 263 -0.68 5.22 -16.77
N TRP A 264 0.62 5.33 -17.03
CA TRP A 264 1.05 5.63 -18.39
C TRP A 264 2.16 4.74 -18.92
N ASN A 265 2.13 4.46 -20.22
CA ASN A 265 3.16 3.63 -20.85
C ASN A 265 4.46 4.42 -20.91
N ASP A 266 5.52 3.76 -21.36
CA ASP A 266 6.84 4.38 -21.44
C ASP A 266 6.87 5.65 -22.29
N GLU A 267 6.21 5.61 -23.44
CA GLU A 267 6.17 6.75 -24.35
C GLU A 267 5.57 7.97 -23.67
N GLN A 268 4.42 7.78 -23.03
CA GLN A 268 3.74 8.87 -22.35
C GLN A 268 4.45 9.29 -21.07
N SER A 269 5.04 8.31 -20.39
CA SER A 269 5.76 8.58 -19.15
C SER A 269 7.03 9.37 -19.40
N LEU A 270 7.71 9.06 -20.49
CA LEU A 270 8.94 9.77 -20.85
C LEU A 270 8.64 11.24 -21.13
N LYS A 271 7.56 11.51 -21.86
CA LYS A 271 7.19 12.89 -22.18
C LYS A 271 6.90 13.68 -20.91
N ILE A 272 6.24 13.04 -19.95
CA ILE A 272 5.93 13.71 -18.69
C ILE A 272 7.22 14.01 -17.94
N LEU A 273 8.12 13.04 -17.94
CA LEU A 273 9.39 13.21 -17.25
C LEU A 273 10.21 14.32 -17.91
N LYS A 274 10.14 14.42 -19.24
CA LYS A 274 10.88 15.46 -19.94
C LYS A 274 10.30 16.84 -19.64
N ASN A 275 8.98 16.94 -19.59
CA ASN A 275 8.35 18.21 -19.28
C ASN A 275 8.67 18.57 -17.83
N SER A 276 8.85 17.54 -17.01
CA SER A 276 9.18 17.74 -15.60
C SER A 276 10.60 18.32 -15.46
N LYS A 277 11.53 17.81 -16.24
CA LYS A 277 12.90 18.32 -16.20
C LYS A 277 12.93 19.78 -16.65
N GLU A 278 12.10 20.12 -17.62
CA GLU A 278 12.05 21.47 -18.14
C GLU A 278 11.41 22.42 -17.13
N ALA A 279 10.51 21.91 -16.30
CA ALA A 279 9.84 22.74 -15.31
C ALA A 279 10.76 23.10 -14.15
N ILE A 280 11.90 22.42 -14.05
CA ILE A 280 12.85 22.69 -12.96
C ILE A 280 14.20 23.18 -13.48
N SER A 281 14.32 23.38 -14.78
CA SER A 281 15.59 23.82 -15.36
C SER A 281 16.05 25.16 -14.80
N HIS A 282 15.11 26.07 -14.62
CA HIS A 282 15.41 27.40 -14.09
C HIS A 282 16.15 27.34 -12.76
N LYS A 283 15.90 26.29 -11.99
CA LYS A 283 16.54 26.13 -10.68
C LYS A 283 17.91 25.48 -10.83
N GLY A 284 18.24 25.09 -12.06
CA GLY A 284 19.51 24.46 -12.33
C GLY A 284 19.70 23.09 -11.71
N LYS A 285 20.90 22.84 -11.19
CA LYS A 285 21.25 21.58 -10.56
C LYS A 285 20.67 21.46 -9.15
N ASP A 286 19.85 22.43 -8.77
CA ASP A 286 19.22 22.42 -7.45
C ASP A 286 17.81 21.83 -7.53
N GLY A 287 17.21 21.88 -8.72
CA GLY A 287 15.87 21.35 -8.91
C GLY A 287 15.79 19.84 -8.81
N LYS A 288 14.58 19.33 -8.60
CA LYS A 288 14.40 17.89 -8.48
C LYS A 288 12.99 17.44 -8.83
N VAL A 289 12.85 16.17 -9.21
CA VAL A 289 11.56 15.59 -9.53
C VAL A 289 11.31 14.47 -8.51
N ILE A 290 10.13 14.46 -7.90
CA ILE A 290 9.79 13.46 -6.91
C ILE A 290 8.72 12.52 -7.42
N ILE A 291 9.10 11.27 -7.65
CA ILE A 291 8.17 10.26 -8.14
C ILE A 291 7.73 9.34 -7.00
N ILE A 292 6.43 9.18 -6.85
CA ILE A 292 5.89 8.29 -5.83
C ILE A 292 5.14 7.17 -6.53
N ASP A 293 5.75 5.99 -6.57
CA ASP A 293 5.18 4.82 -7.21
C ASP A 293 5.88 3.58 -6.69
N ILE A 294 5.64 2.44 -7.32
CA ILE A 294 6.30 1.22 -6.88
C ILE A 294 7.48 0.90 -7.78
N SER A 295 8.55 0.42 -7.17
CA SER A 295 9.75 0.04 -7.89
C SER A 295 10.17 -1.35 -7.41
N ILE A 296 10.13 -2.32 -8.31
CA ILE A 296 10.50 -3.70 -7.98
C ILE A 296 11.97 -3.95 -8.27
N ASP A 297 12.77 -4.15 -7.22
CA ASP A 297 14.20 -4.39 -7.36
C ASP A 297 14.51 -5.87 -7.21
N GLU A 298 14.63 -6.56 -8.33
CA GLU A 298 14.88 -8.00 -8.31
C GLU A 298 16.24 -8.40 -7.72
N THR A 299 17.25 -7.57 -7.93
CA THR A 299 18.59 -7.86 -7.42
C THR A 299 18.73 -7.48 -5.94
N SER A 300 17.62 -7.08 -5.33
CA SER A 300 17.64 -6.68 -3.92
C SER A 300 17.97 -7.83 -2.95
N ASP A 301 18.72 -7.51 -1.90
CA ASP A 301 19.10 -8.49 -0.89
C ASP A 301 17.91 -8.91 -0.06
N ASP A 302 16.89 -8.05 -0.02
CA ASP A 302 15.68 -8.36 0.73
C ASP A 302 14.73 -9.10 -0.22
N ARG A 303 14.90 -10.42 -0.29
CA ARG A 303 14.10 -11.26 -1.16
C ARG A 303 12.63 -11.16 -0.80
N GLY A 304 12.34 -11.09 0.50
CA GLY A 304 10.98 -10.99 0.98
C GLY A 304 10.23 -9.76 0.50
N LEU A 305 10.94 -8.64 0.41
CA LEU A 305 10.35 -7.39 -0.05
C LEU A 305 9.99 -7.50 -1.51
N THR A 306 10.93 -7.98 -2.32
CA THR A 306 10.72 -8.14 -3.74
C THR A 306 9.53 -9.07 -4.00
N GLU A 307 9.45 -10.14 -3.23
CA GLU A 307 8.35 -11.09 -3.37
C GLU A 307 7.01 -10.40 -3.13
N LEU A 308 6.95 -9.60 -2.07
CA LEU A 308 5.73 -8.87 -1.73
C LEU A 308 5.37 -7.92 -2.87
N GLN A 309 6.37 -7.22 -3.40
CA GLN A 309 6.15 -6.30 -4.51
C GLN A 309 5.65 -7.06 -5.73
N LEU A 310 6.25 -8.22 -6.00
CA LEU A 310 5.82 -9.02 -7.13
C LEU A 310 4.41 -9.55 -6.86
N ASP A 311 4.13 -9.91 -5.62
CA ASP A 311 2.81 -10.41 -5.23
C ASP A 311 1.77 -9.35 -5.57
N TYR A 312 2.03 -8.14 -5.07
CA TYR A 312 1.15 -7.02 -5.32
C TYR A 312 1.02 -6.75 -6.82
N ASP A 313 2.10 -7.00 -7.56
CA ASP A 313 2.09 -6.79 -8.99
C ASP A 313 1.15 -7.81 -9.64
N LEU A 314 1.08 -9.01 -9.07
CA LEU A 314 0.21 -10.03 -9.61
C LEU A 314 -1.28 -9.72 -9.32
N VAL A 315 -1.53 -8.99 -8.25
CA VAL A 315 -2.89 -8.62 -7.90
C VAL A 315 -3.35 -7.57 -8.91
N MET A 316 -2.48 -6.62 -9.18
CA MET A 316 -2.81 -5.57 -10.15
C MET A 316 -3.15 -6.19 -11.51
N LEU A 317 -2.38 -7.20 -11.90
CA LEU A 317 -2.60 -7.89 -13.16
C LEU A 317 -3.93 -8.65 -13.19
N THR A 318 -4.19 -9.48 -12.18
CA THR A 318 -5.41 -10.26 -12.15
C THR A 318 -6.67 -9.39 -11.99
N MET A 319 -6.59 -8.36 -11.15
CA MET A 319 -7.74 -7.50 -10.91
C MET A 319 -7.98 -6.41 -11.96
N PHE A 320 -6.90 -5.90 -12.54
CA PHE A 320 -7.04 -4.80 -13.49
C PHE A 320 -6.21 -4.92 -14.77
N LEU A 321 -5.32 -5.91 -14.81
CA LEU A 321 -4.44 -6.08 -15.96
C LEU A 321 -3.44 -4.91 -15.91
N GLY A 322 -3.23 -4.37 -14.72
CA GLY A 322 -2.28 -3.28 -14.54
C GLY A 322 -0.86 -3.82 -14.40
N LYS A 323 0.11 -2.92 -14.19
CA LYS A 323 1.48 -3.35 -14.03
C LYS A 323 2.32 -2.38 -13.21
N GLU A 324 3.39 -2.89 -12.62
CA GLU A 324 4.29 -2.06 -11.83
C GLU A 324 5.66 -2.18 -12.49
N ARG A 325 6.43 -1.11 -12.42
CA ARG A 325 7.75 -1.11 -13.02
C ARG A 325 8.84 -1.61 -12.08
N THR A 326 9.91 -2.14 -12.66
CA THR A 326 11.06 -2.62 -11.91
C THR A 326 12.04 -1.45 -11.81
N LYS A 327 13.05 -1.60 -10.94
CA LYS A 327 14.04 -0.54 -10.80
C LYS A 327 14.67 -0.21 -12.15
N GLN A 328 15.03 -1.25 -12.92
CA GLN A 328 15.63 -1.05 -14.23
C GLN A 328 14.76 -0.20 -15.16
N GLU A 329 13.50 -0.57 -15.29
CA GLU A 329 12.58 0.17 -16.13
C GLU A 329 12.57 1.64 -15.73
N TRP A 330 12.66 1.89 -14.41
CA TRP A 330 12.70 3.25 -13.90
C TRP A 330 13.99 3.95 -14.35
N GLU A 331 15.12 3.26 -14.21
CA GLU A 331 16.39 3.82 -14.59
C GLU A 331 16.41 4.18 -16.06
N LYS A 332 15.91 3.30 -16.91
CA LYS A 332 15.89 3.56 -18.35
C LYS A 332 15.07 4.80 -18.65
N LEU A 333 13.94 4.93 -17.94
CA LEU A 333 13.03 6.04 -18.10
C LEU A 333 13.71 7.34 -17.64
N ILE A 334 14.27 7.29 -16.44
CA ILE A 334 14.94 8.44 -15.86
C ILE A 334 16.10 8.97 -16.71
N TYR A 335 16.97 8.10 -17.20
CA TYR A 335 18.08 8.56 -18.01
C TYR A 335 17.64 8.98 -19.42
N ASP A 336 16.66 8.29 -20.00
CA ASP A 336 16.18 8.65 -21.34
C ASP A 336 15.62 10.06 -21.29
N ALA A 337 15.18 10.46 -20.10
CA ALA A 337 14.61 11.79 -19.89
C ALA A 337 15.68 12.87 -19.84
N GLY A 338 16.92 12.47 -19.56
CA GLY A 338 18.03 13.42 -19.50
C GLY A 338 18.59 13.72 -18.11
N PHE A 339 18.04 13.07 -17.09
CA PHE A 339 18.49 13.28 -15.72
C PHE A 339 19.84 12.64 -15.46
N SER A 340 20.55 13.14 -14.45
CA SER A 340 21.88 12.65 -14.11
C SER A 340 21.93 11.48 -13.15
N SER A 341 21.16 11.56 -12.07
CA SER A 341 21.14 10.49 -11.10
C SER A 341 19.79 10.39 -10.41
N TYR A 342 19.65 9.45 -9.49
CA TYR A 342 18.39 9.29 -8.77
C TYR A 342 18.62 8.47 -7.51
N LYS A 343 17.71 8.58 -6.57
CA LYS A 343 17.79 7.83 -5.32
C LYS A 343 16.41 7.30 -4.98
N ILE A 344 16.34 6.04 -4.55
CA ILE A 344 15.07 5.44 -4.19
C ILE A 344 14.98 5.24 -2.69
N THR A 345 13.88 5.69 -2.11
CA THR A 345 13.65 5.53 -0.69
C THR A 345 12.40 4.69 -0.46
N PRO A 346 12.53 3.54 0.21
CA PRO A 346 11.37 2.68 0.46
C PRO A 346 10.38 3.34 1.39
N ILE A 347 9.09 3.25 1.06
CA ILE A 347 8.04 3.86 1.88
C ILE A 347 6.82 2.98 1.93
N SER A 348 5.99 3.19 2.95
CA SER A 348 4.75 2.44 3.12
C SER A 348 4.89 0.94 2.86
N GLY A 349 5.85 0.31 3.53
CA GLY A 349 6.04 -1.13 3.38
C GLY A 349 6.64 -1.66 2.08
N PHE A 350 6.10 -1.25 0.95
CA PHE A 350 6.61 -1.75 -0.32
C PHE A 350 6.55 -0.75 -1.47
N LYS A 351 6.20 0.50 -1.17
CA LYS A 351 6.15 1.52 -2.21
C LYS A 351 7.53 2.17 -2.28
N SER A 352 7.69 3.14 -3.17
CA SER A 352 8.97 3.82 -3.32
C SER A 352 8.82 5.31 -3.62
N LEU A 353 9.72 6.10 -3.05
CA LEU A 353 9.75 7.53 -3.31
C LEU A 353 11.07 7.70 -4.07
N ILE A 354 10.98 8.19 -5.29
CA ILE A 354 12.18 8.37 -6.10
C ILE A 354 12.56 9.84 -6.29
N GLU A 355 13.78 10.17 -5.91
CA GLU A 355 14.30 11.52 -6.07
C GLU A 355 15.15 11.50 -7.33
N VAL A 356 14.76 12.32 -8.31
CA VAL A 356 15.46 12.41 -9.58
C VAL A 356 16.17 13.76 -9.72
N TYR A 357 17.42 13.74 -10.15
CA TYR A 357 18.18 14.99 -10.28
C TYR A 357 18.70 15.27 -11.68
N PRO A 358 18.68 16.55 -12.09
CA PRO A 358 19.15 16.96 -13.41
C PRO A 358 20.67 16.89 -13.52
C1 2HI B . -9.69 -3.03 -0.85
C2 2HI B . -8.32 -2.70 -0.93
C3 2HI B . -7.54 -3.24 -1.97
C4 2HI B . -8.09 -4.17 -2.93
C5 2HI B . -9.47 -4.49 -2.81
C6 2HI B . -10.28 -3.92 -1.78
O1 2HI B . -7.32 -4.74 -3.95
C7 2HI B . -6.10 -2.85 -2.06
O2 2HI B . -5.58 -2.09 -1.26
C8 2HI B . -5.32 -3.41 -3.27
C9 2HI B . -5.89 -4.77 -3.73
O3 2HI B . -5.73 -5.78 -2.74
C10 2HI B . -5.44 -2.30 -4.32
C11 2HI B . -6.56 -2.18 -5.23
C12 2HI B . -6.66 -1.13 -6.17
C13 2HI B . -5.65 -0.15 -6.26
C14 2HI B . -4.53 -0.26 -5.38
C15 2HI B . -4.43 -1.31 -4.43
O4 2HI B . -5.75 0.86 -7.15
O5 2HI B . -11.58 -4.22 -1.68
N SAH C . -1.45 12.69 -7.89
CA SAH C . -2.78 11.98 -7.66
CB SAH C . -3.08 10.75 -8.45
CG SAH C . -3.05 10.78 -9.95
SD SAH C . -4.79 10.97 -10.51
C SAH C . -2.89 11.65 -6.12
O SAH C . -1.95 11.97 -5.36
OXT SAH C . -3.97 11.04 -5.75
C5' SAH C . -4.49 11.17 -12.20
C4' SAH C . -4.82 12.65 -12.60
O4' SAH C . -4.48 12.70 -13.97
C3' SAH C . -6.27 13.09 -12.59
O3' SAH C . -6.51 14.01 -11.52
C2' SAH C . -6.46 13.68 -14.04
O2' SAH C . -7.31 14.82 -14.07
C1' SAH C . -5.02 13.95 -14.45
N9 SAH C . -4.77 14.06 -15.75
C8 SAH C . -5.13 13.34 -16.89
N7 SAH C . -4.65 13.81 -18.00
C5 SAH C . -3.89 14.95 -17.61
C6 SAH C . -3.12 15.91 -18.37
N6 SAH C . -2.98 15.85 -19.70
N1 SAH C . -2.52 16.90 -17.62
C2 SAH C . -2.64 16.99 -16.25
N3 SAH C . -3.36 16.11 -15.50
C4 SAH C . -3.97 15.12 -16.24
#